data_6IRQ
#
_entry.id   6IRQ
#
_cell.length_a   60.488
_cell.length_b   60.488
_cell.length_c   131.315
_cell.angle_alpha   90.00
_cell.angle_beta   90.00
_cell.angle_gamma   120.00
#
_symmetry.space_group_name_H-M   'P 31'
#
loop_
_entity.id
_entity.type
_entity.pdbx_description
1 polymer 'Single-stranded DNA-binding protein'
2 polymer 'DNA (25-MER)'
3 water water
#
loop_
_entity_poly.entity_id
_entity_poly.type
_entity_poly.pdbx_seq_one_letter_code
_entity_poly.pdbx_strand_id
1 'polypeptide(L)'
;MARGVNKVILVGNVGGDPETRYMPNGNAVTNITLATSESWKDKQTGQQQERTEWHRVVFFGRLAEIAGEYLRKGSQVYVE
GSLRTRKWQGQDGQDRYTTEIVVDINGNMQLLGGRHHHHHH
;
A,B,C,D
2 'polydeoxyribonucleotide'
;(DT)(DT)(DT)(DT)(DT)(DT)(DT)(DT)(DT)(DT)(DT)(DT)(DT)(DT)(DT)(DT)(DT)(DT)(DT)(DT)
(DT)(DT)(DT)(DT)(DT)
;
E,F
#
loop_
_chem_comp.id
_chem_comp.type
_chem_comp.name
_chem_comp.formula
DT DNA linking THYMIDINE-5'-MONOPHOSPHATE 'C10 H15 N2 O8 P'
#
# COMPACT_ATOMS: atom_id res chain seq x y z
N ARG A 3 17.69 3.03 -6.35
CA ARG A 3 16.56 3.59 -5.62
C ARG A 3 15.44 2.57 -5.61
N GLY A 4 14.59 2.56 -4.60
CA GLY A 4 13.48 1.63 -4.53
C GLY A 4 12.43 1.97 -3.49
N VAL A 5 11.55 1.03 -3.24
CA VAL A 5 10.47 1.19 -2.31
C VAL A 5 10.37 -0.11 -1.54
N ASN A 6 10.18 -0.02 -0.25
CA ASN A 6 10.15 -1.19 0.63
C ASN A 6 9.05 -0.90 1.67
N LYS A 7 7.83 -1.36 1.39
CA LYS A 7 6.67 -1.01 2.21
C LYS A 7 5.89 -2.25 2.61
N VAL A 8 5.54 -2.36 3.88
CA VAL A 8 4.67 -3.43 4.38
C VAL A 8 3.52 -2.82 5.14
N ILE A 9 2.32 -3.31 4.88
CA ILE A 9 1.12 -2.86 5.55
C ILE A 9 0.40 -4.08 6.11
N LEU A 10 0.19 -4.09 7.42
CA LEU A 10 -0.43 -5.21 8.09
C LEU A 10 -1.58 -4.70 8.94
N VAL A 11 -2.65 -5.48 8.98
CA VAL A 11 -3.68 -5.29 9.98
C VAL A 11 -3.86 -6.64 10.65
N GLY A 12 -3.77 -6.65 11.98
CA GLY A 12 -3.84 -7.94 12.66
C GLY A 12 -3.89 -7.76 14.15
N ASN A 13 -3.64 -8.86 14.86
CA ASN A 13 -3.82 -8.89 16.32
C ASN A 13 -2.50 -9.18 17.00
N VAL A 14 -2.21 -8.43 18.05
CA VAL A 14 -0.92 -8.55 18.71
C VAL A 14 -0.87 -9.87 19.48
N GLY A 15 0.25 -10.57 19.36
CA GLY A 15 0.35 -11.89 19.97
C GLY A 15 0.45 -11.86 21.49
N GLY A 16 1.18 -10.89 22.03
CA GLY A 16 1.42 -10.82 23.47
C GLY A 16 1.76 -9.40 23.88
N ASP A 17 1.88 -9.15 25.18
CA ASP A 17 2.23 -7.80 25.59
C ASP A 17 3.57 -7.41 24.97
N PRO A 18 3.72 -6.15 24.57
CA PRO A 18 4.96 -5.73 23.94
C PRO A 18 6.10 -5.75 24.95
N GLU A 19 7.30 -5.79 24.41
CA GLU A 19 8.52 -5.65 25.19
C GLU A 19 9.19 -4.36 24.75
N THR A 20 9.41 -3.46 25.69
CA THR A 20 10.06 -2.20 25.37
C THR A 20 11.43 -2.16 26.05
N ARG A 21 12.45 -1.89 25.26
CA ARG A 21 13.82 -1.80 25.72
C ARG A 21 14.30 -0.37 25.52
N TYR A 22 14.98 0.18 26.53
CA TYR A 22 15.54 1.51 26.44
C TYR A 22 17.05 1.38 26.29
N MET A 23 17.59 2.08 25.30
CA MET A 23 19.03 2.06 25.09
C MET A 23 19.71 3.11 25.98
N PRO A 24 21.01 2.99 26.20
CA PRO A 24 21.71 3.95 27.08
C PRO A 24 21.40 5.42 26.81
N ASN A 25 21.13 5.80 25.56
CA ASN A 25 20.84 7.19 25.21
C ASN A 25 19.38 7.56 25.41
N GLY A 26 18.56 6.66 25.97
CA GLY A 26 17.16 6.94 26.19
C GLY A 26 16.21 6.56 25.06
N ASN A 27 16.74 6.17 23.90
CA ASN A 27 15.86 5.77 22.81
C ASN A 27 15.21 4.42 23.11
N ALA A 28 14.02 4.21 22.56
CA ALA A 28 13.22 3.03 22.85
C ALA A 28 13.14 2.13 21.62
N VAL A 29 13.11 0.82 21.87
CA VAL A 29 12.84 -0.20 20.86
C VAL A 29 11.75 -1.10 21.43
N THR A 30 10.67 -1.28 20.67
CA THR A 30 9.57 -2.12 21.15
C THR A 30 9.34 -3.25 20.17
N ASN A 31 9.22 -4.48 20.69
CA ASN A 31 9.00 -5.68 19.91
C ASN A 31 7.61 -6.25 20.18
N ILE A 32 6.97 -6.73 19.10
CA ILE A 32 5.73 -7.50 19.19
C ILE A 32 5.79 -8.59 18.13
N THR A 33 4.87 -9.54 18.23
CA THR A 33 4.50 -10.40 17.12
C THR A 33 3.05 -10.07 16.77
N LEU A 34 2.72 -10.19 15.48
CA LEU A 34 1.41 -9.77 14.99
C LEU A 34 0.90 -10.88 14.08
N ALA A 35 -0.35 -11.30 14.30
CA ALA A 35 -0.97 -12.36 13.50
C ALA A 35 -1.95 -11.76 12.48
N THR A 36 -1.83 -12.19 11.22
CA THR A 36 -2.82 -11.89 10.21
C THR A 36 -3.35 -13.22 9.71
N SER A 37 -4.61 -13.25 9.38
CA SER A 37 -5.16 -14.46 8.86
C SER A 37 -6.01 -14.35 7.62
N GLU A 38 -6.20 -15.51 7.06
CA GLU A 38 -7.02 -15.74 5.90
C GLU A 38 -7.80 -17.03 6.23
N SER A 39 -9.02 -17.12 5.75
CA SER A 39 -9.84 -18.30 6.00
C SER A 39 -10.39 -18.81 4.70
N TRP A 40 -10.54 -20.11 4.66
CA TRP A 40 -11.16 -20.86 3.59
C TRP A 40 -11.55 -22.17 4.23
N GLN A 49 -11.26 -23.88 7.53
CA GLN A 49 -9.82 -23.82 7.74
C GLN A 49 -9.25 -22.41 7.90
N GLU A 50 -8.33 -22.26 8.85
CA GLU A 50 -7.63 -21.02 9.12
C GLU A 50 -6.23 -21.13 8.58
N ARG A 51 -5.54 -20.03 8.60
CA ARG A 51 -4.19 -19.99 8.14
C ARG A 51 -3.74 -18.66 8.71
N THR A 52 -2.88 -18.75 9.69
CA THR A 52 -2.42 -17.59 10.37
C THR A 52 -0.98 -17.36 10.13
N GLU A 53 -0.66 -16.16 9.68
CA GLU A 53 0.71 -15.77 9.43
C GLU A 53 1.22 -14.92 10.62
N TRP A 54 2.36 -15.28 11.17
CA TRP A 54 2.91 -14.53 12.31
C TRP A 54 4.02 -13.61 11.81
N HIS A 55 3.97 -12.35 12.22
CA HIS A 55 4.93 -11.34 11.76
C HIS A 55 5.71 -10.82 12.96
N ARG A 56 7.02 -10.65 12.80
CA ARG A 56 7.82 -9.99 13.85
C ARG A 56 7.92 -8.50 13.55
N VAL A 57 7.39 -7.67 14.44
CA VAL A 57 7.34 -6.22 14.22
C VAL A 57 8.22 -5.55 15.27
N VAL A 58 9.13 -4.68 14.84
CA VAL A 58 10.00 -3.93 15.73
C VAL A 58 9.77 -2.44 15.48
N PHE A 59 9.47 -1.70 16.56
CA PHE A 59 9.24 -0.26 16.53
C PHE A 59 10.45 0.48 17.04
N PHE A 60 10.79 1.59 16.39
CA PHE A 60 11.88 2.46 16.81
C PHE A 60 11.36 3.88 16.98
N GLY A 61 12.02 4.64 17.86
CA GLY A 61 11.74 6.06 17.96
C GLY A 61 10.46 6.34 18.74
N ARG A 62 9.78 7.42 18.34
CA ARG A 62 8.56 7.81 19.05
C ARG A 62 7.51 6.70 18.98
N LEU A 63 7.41 6.02 17.82
CA LEU A 63 6.43 4.93 17.72
C LEU A 63 6.78 3.79 18.67
N ALA A 64 8.05 3.64 19.05
CA ALA A 64 8.38 2.57 20.00
C ALA A 64 7.75 2.84 21.35
N GLU A 65 7.75 4.09 21.80
CA GLU A 65 7.14 4.41 23.10
C GLU A 65 5.63 4.31 23.04
N ILE A 66 5.03 4.80 21.94
CA ILE A 66 3.59 4.68 21.73
C ILE A 66 3.17 3.20 21.67
N ALA A 67 3.86 2.40 20.86
CA ALA A 67 3.50 0.99 20.79
C ALA A 67 3.63 0.32 22.17
N GLY A 68 4.68 0.65 22.90
CA GLY A 68 4.87 0.02 24.21
C GLY A 68 3.78 0.37 25.19
N GLU A 69 3.22 1.58 25.07
CA GLU A 69 2.23 2.07 26.02
C GLU A 69 0.80 1.65 25.68
N TYR A 70 0.44 1.55 24.38
CA TYR A 70 -0.94 1.30 23.99
C TYR A 70 -1.23 -0.11 23.46
N LEU A 71 -0.23 -0.85 22.98
CA LEU A 71 -0.49 -2.19 22.50
C LEU A 71 -0.45 -3.18 23.66
N ARG A 72 -1.39 -4.13 23.64
CA ARG A 72 -1.40 -5.25 24.58
C ARG A 72 -1.70 -6.52 23.80
N LYS A 73 -1.53 -7.66 24.46
CA LYS A 73 -1.94 -8.93 23.87
C LYS A 73 -3.38 -8.82 23.38
N GLY A 74 -3.60 -9.22 22.14
CA GLY A 74 -4.92 -9.16 21.55
C GLY A 74 -5.29 -7.87 20.86
N SER A 75 -4.52 -6.79 21.01
CA SER A 75 -4.88 -5.52 20.38
C SER A 75 -4.98 -5.70 18.86
N GLN A 76 -5.96 -5.04 18.25
CA GLN A 76 -6.04 -4.96 16.79
C GLN A 76 -5.30 -3.71 16.36
N VAL A 77 -4.45 -3.83 15.34
CA VAL A 77 -3.54 -2.74 15.05
C VAL A 77 -3.23 -2.73 13.56
N TYR A 78 -3.03 -1.52 13.06
CA TYR A 78 -2.53 -1.26 11.71
C TYR A 78 -1.07 -0.90 11.87
N VAL A 79 -0.20 -1.55 11.08
CA VAL A 79 1.23 -1.32 11.10
C VAL A 79 1.70 -1.03 9.68
N GLU A 80 2.51 0.02 9.52
CA GLU A 80 3.11 0.29 8.21
C GLU A 80 4.60 0.44 8.42
N GLY A 81 5.39 -0.39 7.72
CA GLY A 81 6.83 -0.34 7.91
C GLY A 81 7.60 -0.82 6.70
N SER A 82 8.83 -1.30 6.91
CA SER A 82 9.69 -1.79 5.85
C SER A 82 10.30 -3.12 6.28
N LEU A 83 10.58 -3.97 5.31
CA LEU A 83 11.13 -5.29 5.62
C LEU A 83 12.62 -5.18 5.84
N ARG A 84 13.12 -5.90 6.85
CA ARG A 84 14.55 -5.99 7.09
C ARG A 84 14.86 -7.43 7.51
N THR A 85 15.76 -8.07 6.80
CA THR A 85 16.15 -9.43 7.15
C THR A 85 17.52 -9.40 7.80
N ARG A 86 17.63 -9.96 9.00
CA ARG A 86 18.88 -9.99 9.76
C ARG A 86 19.47 -11.38 9.71
N LYS A 87 20.79 -11.45 9.52
CA LYS A 87 21.52 -12.71 9.47
C LYS A 87 22.22 -12.95 10.82
N TRP A 88 22.20 -14.20 11.27
CA TRP A 88 22.87 -14.54 12.53
C TRP A 88 23.30 -16.00 12.51
N GLN A 89 24.41 -16.29 13.19
CA GLN A 89 24.91 -17.66 13.28
C GLN A 89 24.29 -18.29 14.52
N GLY A 90 23.67 -19.47 14.34
CA GLY A 90 23.06 -20.16 15.45
C GLY A 90 24.08 -21.01 16.21
N GLN A 91 23.67 -21.52 17.37
CA GLN A 91 24.61 -22.29 18.18
C GLN A 91 25.05 -23.58 17.52
N ASP A 92 24.36 -24.03 16.47
CA ASP A 92 24.89 -25.12 15.66
C ASP A 92 25.94 -24.64 14.66
N GLY A 93 26.29 -23.36 14.68
CA GLY A 93 27.27 -22.79 13.77
C GLY A 93 26.75 -22.34 12.41
N GLN A 94 25.50 -22.63 12.06
CA GLN A 94 25.02 -22.37 10.71
C GLN A 94 24.23 -21.06 10.61
N ASP A 95 24.30 -20.48 9.43
CA ASP A 95 23.62 -19.22 9.14
C ASP A 95 22.11 -19.39 9.26
N ARG A 96 21.46 -18.40 9.88
CA ARG A 96 20.02 -18.30 9.89
C ARG A 96 19.62 -16.86 9.62
N TYR A 97 18.35 -16.66 9.28
CA TYR A 97 17.85 -15.36 8.86
C TYR A 97 16.53 -15.09 9.54
N THR A 98 16.29 -13.84 9.90
CA THR A 98 15.03 -13.44 10.50
C THR A 98 14.55 -12.17 9.80
N THR A 99 13.37 -12.23 9.21
CA THR A 99 12.80 -11.09 8.51
C THR A 99 11.82 -10.45 9.46
N GLU A 100 12.01 -9.14 9.69
CA GLU A 100 11.16 -8.39 10.60
C GLU A 100 10.54 -7.20 9.85
N ILE A 101 9.43 -6.72 10.38
CA ILE A 101 8.84 -5.46 9.89
C ILE A 101 9.30 -4.33 10.80
N VAL A 102 10.05 -3.39 10.25
CA VAL A 102 10.64 -2.29 10.99
C VAL A 102 9.73 -1.08 10.83
N VAL A 103 9.24 -0.53 11.95
CA VAL A 103 8.36 0.62 11.99
C VAL A 103 9.13 1.74 12.65
N ASP A 104 9.51 2.76 11.88
CA ASP A 104 10.31 3.86 12.40
C ASP A 104 9.65 5.15 11.97
N ILE A 105 10.42 6.24 11.91
CA ILE A 105 9.88 7.54 11.52
C ILE A 105 9.20 7.48 10.16
N ASN A 106 9.62 6.56 9.28
CA ASN A 106 8.97 6.45 7.98
C ASN A 106 7.70 5.62 8.01
N GLY A 107 7.35 5.00 9.14
CA GLY A 107 6.23 4.10 9.23
C GLY A 107 5.05 4.70 9.98
N ASN A 108 4.13 3.81 10.39
CA ASN A 108 2.90 4.25 11.04
C ASN A 108 2.36 3.09 11.86
N MET A 109 1.58 3.45 12.88
CA MET A 109 0.93 2.49 13.74
C MET A 109 -0.38 3.11 14.20
N GLN A 110 -1.49 2.39 14.04
CA GLN A 110 -2.78 2.90 14.50
C GLN A 110 -3.47 1.79 15.25
N LEU A 111 -3.71 2.04 16.54
CA LEU A 111 -4.50 1.12 17.35
C LEU A 111 -5.94 1.18 16.90
N LEU A 112 -6.49 0.02 16.60
CA LEU A 112 -7.82 -0.09 15.99
C LEU A 112 -8.84 -0.55 17.03
N GLY A 113 -10.11 -0.41 16.66
CA GLY A 113 -11.21 -0.90 17.48
C GLY A 113 -11.35 -0.19 18.82
N ARG B 3 -9.90 -11.94 10.41
CA ARG B 3 -9.85 -10.78 9.52
C ARG B 3 -8.56 -10.00 9.71
N GLY B 4 -7.83 -9.81 8.62
CA GLY B 4 -6.62 -9.02 8.64
C GLY B 4 -6.16 -8.67 7.24
N VAL B 5 -5.05 -7.95 7.17
CA VAL B 5 -4.47 -7.44 5.95
C VAL B 5 -2.99 -7.77 5.97
N ASN B 6 -2.46 -8.26 4.85
CA ASN B 6 -1.06 -8.66 4.77
C ASN B 6 -0.59 -8.22 3.38
N LYS B 7 0.02 -7.03 3.29
CA LYS B 7 0.36 -6.47 1.99
C LYS B 7 1.80 -5.97 1.96
N VAL B 8 2.51 -6.30 0.90
CA VAL B 8 3.88 -5.84 0.71
C VAL B 8 3.96 -5.19 -0.64
N ILE B 9 4.57 -4.02 -0.69
CA ILE B 9 4.79 -3.32 -1.96
C ILE B 9 6.27 -3.03 -2.07
N LEU B 10 6.89 -3.50 -3.16
CA LEU B 10 8.31 -3.33 -3.40
C LEU B 10 8.54 -2.74 -4.79
N VAL B 11 9.50 -1.84 -4.90
CA VAL B 11 10.09 -1.44 -6.18
C VAL B 11 11.58 -1.64 -6.08
N GLY B 12 12.16 -2.46 -6.97
CA GLY B 12 13.57 -2.71 -6.89
C GLY B 12 14.11 -3.38 -8.14
N ASN B 13 15.31 -3.94 -8.01
CA ASN B 13 16.02 -4.54 -9.13
C ASN B 13 16.22 -6.03 -8.90
N VAL B 14 15.93 -6.81 -9.94
CA VAL B 14 16.05 -8.26 -9.89
C VAL B 14 17.52 -8.64 -9.76
N GLY B 15 17.83 -9.57 -8.85
CA GLY B 15 19.21 -9.88 -8.55
C GLY B 15 19.85 -10.82 -9.55
N GLY B 16 19.07 -11.75 -10.13
CA GLY B 16 19.55 -12.68 -11.12
C GLY B 16 18.43 -13.10 -12.03
N ASP B 17 18.73 -13.84 -13.06
CA ASP B 17 17.70 -14.29 -13.94
C ASP B 17 16.75 -15.19 -13.17
N PRO B 18 15.48 -15.07 -13.44
CA PRO B 18 14.41 -15.80 -12.76
C PRO B 18 14.43 -17.27 -12.89
N GLU B 19 13.97 -17.94 -11.89
CA GLU B 19 13.91 -19.35 -11.92
C GLU B 19 12.47 -19.76 -12.04
N THR B 20 12.13 -20.53 -13.05
CA THR B 20 10.79 -20.99 -13.26
C THR B 20 10.72 -22.50 -13.32
N ARG B 21 9.79 -23.08 -12.60
CA ARG B 21 9.52 -24.49 -12.57
C ARG B 21 8.03 -24.69 -12.76
N TYR B 22 7.66 -25.92 -13.04
CA TYR B 22 6.28 -26.25 -13.39
C TYR B 22 5.75 -27.34 -12.47
N MET B 23 4.59 -27.07 -11.88
CA MET B 23 3.92 -27.98 -10.97
C MET B 23 3.27 -29.13 -11.74
N PRO B 24 2.86 -30.19 -11.04
CA PRO B 24 2.18 -31.29 -11.74
C PRO B 24 0.98 -30.86 -12.56
N ASN B 25 0.18 -29.91 -12.08
CA ASN B 25 -0.98 -29.45 -12.82
C ASN B 25 -0.63 -28.49 -13.95
N GLY B 26 0.65 -28.34 -14.28
CA GLY B 26 1.08 -27.44 -15.32
C GLY B 26 1.35 -26.00 -14.88
N ASN B 27 0.98 -25.63 -13.66
CA ASN B 27 1.11 -24.24 -13.23
C ASN B 27 2.57 -23.83 -13.04
N ALA B 28 2.94 -22.67 -13.59
CA ALA B 28 4.28 -22.12 -13.44
C ALA B 28 4.47 -21.49 -12.06
N VAL B 29 5.69 -21.60 -11.54
CA VAL B 29 6.10 -20.92 -10.31
C VAL B 29 7.46 -20.28 -10.58
N THR B 30 7.58 -18.98 -10.35
CA THR B 30 8.81 -18.26 -10.64
C THR B 30 9.35 -17.62 -9.36
N ASN B 31 10.64 -17.82 -9.10
CA ASN B 31 11.37 -17.25 -7.96
C ASN B 31 12.34 -16.21 -8.47
N ILE B 32 12.45 -15.09 -7.73
CA ILE B 32 13.48 -14.10 -7.96
C ILE B 32 13.97 -13.63 -6.60
N THR B 33 15.10 -12.93 -6.61
CA THR B 33 15.46 -12.07 -5.50
C THR B 33 15.44 -10.65 -6.00
N LEU B 34 15.10 -9.72 -5.10
CA LEU B 34 14.85 -8.34 -5.49
C LEU B 34 15.52 -7.44 -4.47
N ALA B 35 16.30 -6.49 -4.97
CA ALA B 35 17.06 -5.57 -4.14
C ALA B 35 16.32 -4.24 -4.05
N THR B 36 16.10 -3.77 -2.83
CA THR B 36 15.65 -2.40 -2.61
C THR B 36 16.71 -1.71 -1.78
N SER B 37 16.93 -0.45 -2.07
CA SER B 37 17.90 0.30 -1.36
C SER B 37 17.39 1.62 -0.90
N GLU B 38 18.07 2.14 0.08
CA GLU B 38 17.72 3.41 0.62
C GLU B 38 18.98 4.06 1.07
N SER B 39 19.04 5.37 0.93
CA SER B 39 20.19 6.11 1.38
C SER B 39 19.70 7.16 2.33
N GLU B 50 24.01 4.19 2.34
CA GLU B 50 23.28 3.31 1.45
C GLU B 50 23.41 1.89 1.80
N ARG B 51 22.27 1.33 2.18
CA ARG B 51 22.09 -0.07 2.52
C ARG B 51 21.06 -0.69 1.59
N THR B 52 21.36 -1.89 1.11
CA THR B 52 20.51 -2.63 0.21
C THR B 52 19.84 -3.76 0.98
N GLU B 53 18.54 -3.95 0.74
CA GLU B 53 17.77 -5.02 1.35
C GLU B 53 17.42 -6.04 0.27
N TRP B 54 17.59 -7.33 0.56
CA TRP B 54 17.31 -8.39 -0.40
C TRP B 54 16.04 -9.14 -0.03
N HIS B 55 15.12 -9.29 -1.01
CA HIS B 55 13.83 -9.94 -0.81
C HIS B 55 13.70 -11.16 -1.71
N ARG B 56 13.13 -12.23 -1.17
CA ARG B 56 12.79 -13.42 -1.94
C ARG B 56 11.33 -13.33 -2.36
N VAL B 57 11.10 -13.23 -3.66
CA VAL B 57 9.76 -13.02 -4.21
C VAL B 57 9.40 -14.27 -5.01
N VAL B 58 8.18 -14.78 -4.80
CA VAL B 58 7.71 -15.99 -5.48
C VAL B 58 6.39 -15.68 -6.18
N PHE B 59 6.37 -15.88 -7.51
CA PHE B 59 5.21 -15.61 -8.35
C PHE B 59 4.49 -16.91 -8.65
N PHE B 60 3.16 -16.86 -8.69
CA PHE B 60 2.33 -18.01 -9.03
C PHE B 60 1.38 -17.66 -10.15
N GLY B 61 1.05 -18.67 -10.95
CA GLY B 61 0.02 -18.48 -11.97
C GLY B 61 0.51 -17.65 -13.15
N ARG B 62 -0.41 -16.84 -13.69
CA ARG B 62 -0.09 -16.07 -14.88
C ARG B 62 1.07 -15.12 -14.63
N LEU B 63 1.09 -14.46 -13.47
CA LEU B 63 2.19 -13.56 -13.17
C LEU B 63 3.53 -14.28 -13.18
N ALA B 64 3.55 -15.56 -12.80
CA ALA B 64 4.80 -16.33 -12.86
C ALA B 64 5.28 -16.53 -14.31
N GLU B 65 4.34 -16.75 -15.24
CA GLU B 65 4.72 -16.86 -16.65
C GLU B 65 5.25 -15.54 -17.17
N ILE B 66 4.54 -14.44 -16.88
CA ILE B 66 5.00 -13.13 -17.29
C ILE B 66 6.37 -12.83 -16.66
N ALA B 67 6.52 -13.09 -15.36
CA ALA B 67 7.80 -12.83 -14.71
C ALA B 67 8.91 -13.62 -15.39
N GLY B 68 8.70 -14.92 -15.57
CA GLY B 68 9.72 -15.74 -16.22
C GLY B 68 10.06 -15.27 -17.62
N GLU B 69 9.07 -14.73 -18.33
CA GLU B 69 9.29 -14.34 -19.71
C GLU B 69 10.02 -12.99 -19.82
N TYR B 70 9.72 -12.03 -18.93
CA TYR B 70 10.20 -10.67 -19.10
C TYR B 70 11.23 -10.20 -18.08
N LEU B 71 11.32 -10.81 -16.92
CA LEU B 71 12.29 -10.30 -15.96
C LEU B 71 13.66 -10.88 -16.28
N ARG B 72 14.69 -10.07 -16.12
CA ARG B 72 16.06 -10.54 -16.22
C ARG B 72 16.87 -9.86 -15.13
N LYS B 73 18.10 -10.37 -14.94
CA LYS B 73 19.05 -9.73 -14.04
C LYS B 73 19.06 -8.23 -14.28
N GLY B 74 18.83 -7.46 -13.22
CA GLY B 74 18.87 -6.02 -13.29
C GLY B 74 17.56 -5.35 -13.64
N SER B 75 16.55 -6.10 -14.09
CA SER B 75 15.26 -5.51 -14.39
C SER B 75 14.74 -4.75 -13.18
N GLN B 76 14.16 -3.58 -13.43
CA GLN B 76 13.47 -2.83 -12.40
C GLN B 76 11.99 -3.20 -12.43
N VAL B 77 11.41 -3.52 -11.27
CA VAL B 77 10.08 -4.10 -11.24
C VAL B 77 9.33 -3.60 -10.01
N TYR B 78 8.02 -3.41 -10.18
CA TYR B 78 7.09 -3.19 -9.08
C TYR B 78 6.40 -4.51 -8.76
N VAL B 79 6.32 -4.82 -7.48
CA VAL B 79 5.78 -6.09 -7.00
C VAL B 79 4.86 -5.81 -5.82
N GLU B 80 3.71 -6.49 -5.80
CA GLU B 80 2.75 -6.36 -4.72
C GLU B 80 2.28 -7.74 -4.29
N GLY B 81 2.47 -8.08 -3.03
CA GLY B 81 2.13 -9.43 -2.61
C GLY B 81 1.83 -9.48 -1.14
N SER B 82 1.95 -10.71 -0.58
CA SER B 82 1.73 -10.95 0.85
C SER B 82 2.94 -11.68 1.43
N LEU B 83 3.18 -11.48 2.73
CA LEU B 83 4.29 -12.17 3.38
C LEU B 83 3.87 -13.58 3.77
N ARG B 84 4.76 -14.54 3.54
CA ARG B 84 4.48 -15.91 3.96
C ARG B 84 5.78 -16.49 4.49
N THR B 85 5.80 -16.84 5.76
CA THR B 85 6.99 -17.45 6.35
C THR B 85 6.83 -18.96 6.29
N ARG B 86 7.73 -19.59 5.54
CA ARG B 86 7.63 -20.99 5.18
C ARG B 86 8.69 -21.77 5.95
N LYS B 87 8.28 -22.91 6.51
CA LYS B 87 9.21 -23.77 7.25
C LYS B 87 9.64 -24.92 6.34
N TRP B 88 10.97 -25.12 6.24
CA TRP B 88 11.53 -26.13 5.36
C TRP B 88 12.71 -26.82 6.04
N GLN B 89 12.88 -28.11 5.72
CA GLN B 89 13.97 -28.90 6.29
C GLN B 89 15.27 -28.63 5.53
N GLY B 90 16.33 -28.31 6.27
CA GLY B 90 17.61 -27.97 5.66
C GLY B 90 18.40 -29.19 5.20
N GLN B 91 19.60 -28.90 4.70
CA GLN B 91 20.48 -29.95 4.20
C GLN B 91 20.97 -30.90 5.29
N ASP B 92 20.66 -30.62 6.56
CA ASP B 92 21.10 -31.44 7.67
C ASP B 92 19.97 -32.08 8.45
N GLY B 93 18.71 -31.78 8.12
CA GLY B 93 17.58 -32.42 8.74
C GLY B 93 16.85 -31.60 9.79
N GLN B 94 17.27 -30.37 10.06
CA GLN B 94 16.58 -29.51 11.01
C GLN B 94 15.97 -28.31 10.27
N ASP B 95 15.38 -27.40 11.05
CA ASP B 95 14.40 -26.45 10.55
C ASP B 95 15.04 -25.15 10.09
N ARG B 96 14.72 -24.76 8.86
CA ARG B 96 15.00 -23.43 8.33
C ARG B 96 13.66 -22.76 8.02
N TYR B 97 13.57 -21.47 8.34
CA TYR B 97 12.41 -20.66 7.98
C TYR B 97 12.85 -19.62 6.96
N THR B 98 12.00 -19.37 5.97
CA THR B 98 12.24 -18.32 4.99
C THR B 98 10.98 -17.50 4.82
N THR B 99 11.10 -16.18 4.98
CA THR B 99 9.98 -15.28 4.74
C THR B 99 10.04 -14.84 3.28
N GLU B 100 8.97 -15.12 2.53
CA GLU B 100 8.94 -14.81 1.10
C GLU B 100 7.77 -13.86 0.82
N ILE B 101 7.89 -13.11 -0.25
CA ILE B 101 6.79 -12.27 -0.71
C ILE B 101 6.08 -13.07 -1.80
N VAL B 102 4.85 -13.46 -1.54
CA VAL B 102 4.09 -14.29 -2.47
C VAL B 102 3.23 -13.39 -3.35
N VAL B 103 3.40 -13.51 -4.66
CA VAL B 103 2.69 -12.67 -5.64
C VAL B 103 1.79 -13.61 -6.46
N ASP B 104 0.49 -13.58 -6.19
CA ASP B 104 -0.42 -14.45 -6.92
C ASP B 104 -1.58 -13.66 -7.49
N ILE B 105 -2.73 -14.33 -7.66
CA ILE B 105 -3.88 -13.67 -8.25
C ILE B 105 -4.28 -12.42 -7.47
N ASN B 106 -4.06 -12.40 -6.17
CA ASN B 106 -4.39 -11.23 -5.36
C ASN B 106 -3.29 -10.16 -5.37
N GLY B 107 -2.15 -10.42 -6.01
CA GLY B 107 -1.06 -9.48 -6.03
C GLY B 107 -0.89 -8.80 -7.36
N ASN B 108 0.29 -8.22 -7.59
CA ASN B 108 0.51 -7.50 -8.85
C ASN B 108 1.99 -7.46 -9.15
N MET B 109 2.31 -7.34 -10.43
CA MET B 109 3.67 -7.15 -10.87
C MET B 109 3.67 -6.25 -12.10
N GLN B 110 4.56 -5.26 -12.13
CA GLN B 110 4.69 -4.37 -13.28
C GLN B 110 6.15 -4.19 -13.64
N LEU B 111 6.51 -4.48 -14.88
CA LEU B 111 7.84 -4.17 -15.37
C LEU B 111 7.99 -2.67 -15.51
N LEU B 112 9.10 -2.12 -15.02
CA LEU B 112 9.30 -0.69 -15.07
C LEU B 112 10.38 -0.34 -16.09
N GLY B 113 10.35 0.90 -16.55
CA GLY B 113 11.29 1.34 -17.58
C GLY B 113 10.67 1.46 -18.96
N ARG C 3 -7.95 8.13 15.21
CA ARG C 3 -7.16 7.05 14.61
C ARG C 3 -7.58 6.87 13.17
N GLY C 4 -6.64 7.00 12.24
CA GLY C 4 -6.98 6.80 10.84
C GLY C 4 -5.73 6.69 9.98
N VAL C 5 -5.98 6.32 8.72
CA VAL C 5 -4.94 6.08 7.74
C VAL C 5 -5.43 6.64 6.40
N ASN C 6 -4.55 7.31 5.67
CA ASN C 6 -4.91 7.97 4.39
C ASN C 6 -3.68 7.83 3.48
N LYS C 7 -3.68 6.78 2.65
CA LYS C 7 -2.50 6.45 1.85
C LYS C 7 -2.88 6.23 0.39
N VAL C 8 -2.12 6.83 -0.51
CA VAL C 8 -2.30 6.62 -1.94
C VAL C 8 -0.95 6.23 -2.53
N ILE C 9 -0.95 5.16 -3.32
CA ILE C 9 0.23 4.71 -4.03
C ILE C 9 -0.11 4.64 -5.51
N LEU C 10 0.64 5.38 -6.34
CA LEU C 10 0.42 5.36 -7.78
C LEU C 10 1.71 5.06 -8.51
N VAL C 11 1.61 4.31 -9.61
CA VAL C 11 2.69 4.19 -10.58
C VAL C 11 2.09 4.54 -11.94
N GLY C 12 2.67 5.52 -12.62
CA GLY C 12 2.10 5.97 -13.87
C GLY C 12 3.03 6.89 -14.61
N ASN C 13 2.49 7.58 -15.62
CA ASN C 13 3.29 8.41 -16.51
C ASN C 13 2.87 9.87 -16.38
N VAL C 14 3.86 10.76 -16.28
CA VAL C 14 3.57 12.19 -16.13
C VAL C 14 2.95 12.74 -17.40
N GLY C 15 1.89 13.55 -17.25
CA GLY C 15 1.12 14.00 -18.40
C GLY C 15 1.76 15.15 -19.15
N GLY C 16 2.29 16.13 -18.41
CA GLY C 16 3.00 17.25 -19.00
C GLY C 16 4.12 17.68 -18.09
N ASP C 17 4.94 18.61 -18.60
CA ASP C 17 6.07 19.08 -17.82
C ASP C 17 5.58 19.67 -16.50
N PRO C 18 6.30 19.45 -15.40
CA PRO C 18 5.81 19.87 -14.08
C PRO C 18 5.81 21.39 -13.93
N GLU C 19 4.89 21.87 -13.11
CA GLU C 19 4.71 23.30 -12.85
C GLU C 19 5.14 23.57 -11.41
N THR C 20 6.22 24.32 -11.24
CA THR C 20 6.79 24.60 -9.92
C THR C 20 6.50 26.05 -9.51
N ARG C 21 5.97 26.21 -8.33
CA ARG C 21 5.68 27.49 -7.77
C ARG C 21 6.37 27.61 -6.43
N TYR C 22 6.36 28.79 -5.90
CA TYR C 22 7.02 28.99 -4.63
C TYR C 22 6.08 29.67 -3.71
N MET C 23 6.17 29.32 -2.46
CA MET C 23 5.29 29.92 -1.50
C MET C 23 5.94 31.07 -0.76
N PRO C 24 5.16 31.84 0.00
CA PRO C 24 5.62 32.98 0.80
C PRO C 24 6.93 32.85 1.59
N ASN C 25 7.33 31.67 2.04
CA ASN C 25 8.54 31.41 2.73
C ASN C 25 9.55 30.78 1.80
N GLY C 26 9.18 30.53 0.57
CA GLY C 26 10.10 29.93 -0.37
C GLY C 26 10.10 28.42 -0.59
N ASN C 27 9.19 27.71 0.03
CA ASN C 27 9.11 26.27 -0.15
C ASN C 27 8.64 25.95 -1.55
N ALA C 28 9.31 25.04 -2.26
CA ALA C 28 8.91 24.60 -3.59
C ALA C 28 7.60 23.82 -3.51
N VAL C 29 6.71 24.08 -4.48
CA VAL C 29 5.46 23.36 -4.64
C VAL C 29 5.33 23.02 -6.12
N THR C 30 5.26 21.73 -6.42
CA THR C 30 5.27 21.24 -7.80
C THR C 30 4.00 20.47 -8.07
N ASN C 31 3.33 20.78 -9.16
CA ASN C 31 2.10 20.11 -9.58
C ASN C 31 2.39 19.29 -10.83
N ILE C 32 1.87 18.06 -10.86
CA ILE C 32 1.84 17.28 -12.08
C ILE C 32 0.46 16.66 -12.24
N THR C 33 0.21 16.14 -13.43
CA THR C 33 -0.87 15.19 -13.65
C THR C 33 -0.24 13.85 -13.97
N LEU C 34 -0.87 12.77 -13.55
CA LEU C 34 -0.28 11.44 -13.66
C LEU C 34 -1.33 10.48 -14.21
N ALA C 35 -0.98 9.72 -15.24
CA ALA C 35 -1.92 8.79 -15.86
C ALA C 35 -1.63 7.37 -15.41
N THR C 36 -2.66 6.65 -14.96
CA THR C 36 -2.57 5.22 -14.73
C THR C 36 -3.57 4.50 -15.61
N SER C 37 -3.19 3.31 -16.04
CA SER C 37 -4.00 2.54 -16.97
C SER C 37 -4.61 1.36 -16.21
N GLU C 38 -5.94 1.27 -16.23
CA GLU C 38 -6.68 0.14 -15.68
C GLU C 38 -7.35 -0.61 -16.84
N SER C 39 -8.06 -1.69 -16.49
CA SER C 39 -8.59 -2.62 -17.49
C SER C 39 -10.12 -2.57 -17.51
N TRP C 40 -10.66 -1.68 -18.35
CA TRP C 40 -12.12 -1.55 -18.53
C TRP C 40 -12.73 -2.87 -19.02
N GLY C 46 -17.49 -6.30 -22.30
CA GLY C 46 -16.78 -6.84 -21.15
C GLY C 46 -15.61 -7.71 -21.55
N GLN C 47 -14.52 -7.10 -22.01
CA GLN C 47 -13.36 -7.83 -22.54
C GLN C 47 -12.09 -7.51 -21.87
N GLN C 48 -12.18 -6.87 -20.70
CA GLN C 48 -11.07 -6.32 -19.94
C GLN C 48 -10.30 -5.43 -20.87
N GLN C 49 -10.88 -4.31 -21.24
CA GLN C 49 -10.23 -3.35 -22.14
C GLN C 49 -9.27 -2.36 -21.45
N GLU C 50 -8.89 -1.26 -22.08
CA GLU C 50 -8.02 -0.29 -21.37
C GLU C 50 -8.67 1.06 -21.19
N ARG C 51 -8.29 1.77 -20.14
CA ARG C 51 -8.84 3.06 -19.79
C ARG C 51 -7.88 3.79 -18.92
N THR C 52 -7.69 5.06 -19.16
CA THR C 52 -6.77 5.84 -18.40
C THR C 52 -7.41 6.71 -17.35
N GLU C 53 -6.86 6.72 -16.15
CA GLU C 53 -7.31 7.56 -15.07
C GLU C 53 -6.25 8.62 -14.87
N TRP C 54 -6.66 9.85 -14.69
CA TRP C 54 -5.74 10.96 -14.52
C TRP C 54 -5.78 11.42 -13.07
N HIS C 55 -4.62 11.65 -12.49
CA HIS C 55 -4.49 11.99 -11.08
C HIS C 55 -3.83 13.35 -10.97
N ARG C 56 -4.33 14.19 -10.08
CA ARG C 56 -3.69 15.46 -9.80
C ARG C 56 -2.76 15.28 -8.61
N VAL C 57 -1.45 15.40 -8.83
CA VAL C 57 -0.45 15.16 -7.79
C VAL C 57 0.24 16.49 -7.47
N VAL C 58 0.30 16.83 -6.18
CA VAL C 58 0.99 18.03 -5.70
C VAL C 58 2.11 17.60 -4.75
N PHE C 59 3.33 18.02 -5.04
CA PHE C 59 4.48 17.81 -4.17
C PHE C 59 4.78 19.07 -3.38
N PHE C 60 5.36 18.88 -2.19
CA PHE C 60 5.84 19.98 -1.35
C PHE C 60 7.27 19.68 -0.89
N GLY C 61 8.01 20.75 -0.60
CA GLY C 61 9.31 20.58 0.02
C GLY C 61 10.34 19.96 -0.92
N ARG C 62 11.24 19.16 -0.34
CA ARG C 62 12.36 18.65 -1.10
C ARG C 62 11.87 17.76 -2.24
N LEU C 63 10.79 16.99 -2.01
CA LEU C 63 10.25 16.18 -3.10
C LEU C 63 9.72 17.07 -4.22
N ALA C 64 9.18 18.24 -3.90
CA ALA C 64 8.73 19.16 -4.94
C ALA C 64 9.92 19.66 -5.75
N GLU C 65 11.03 19.95 -5.08
CA GLU C 65 12.27 20.30 -5.79
C GLU C 65 12.74 19.13 -6.65
N ILE C 66 12.79 17.93 -6.07
CA ILE C 66 13.26 16.78 -6.85
C ILE C 66 12.33 16.51 -8.02
N ALA C 67 11.01 16.62 -7.80
CA ALA C 67 10.08 16.39 -8.91
C ALA C 67 10.23 17.47 -9.98
N GLY C 68 10.37 18.74 -9.56
CA GLY C 68 10.55 19.80 -10.54
C GLY C 68 11.77 19.63 -11.42
N GLU C 69 12.81 18.96 -10.92
CA GLU C 69 14.06 18.87 -11.66
C GLU C 69 14.15 17.61 -12.53
N TYR C 70 13.65 16.46 -12.06
CA TYR C 70 13.90 15.21 -12.77
C TYR C 70 12.69 14.70 -13.53
N LEU C 71 11.49 15.19 -13.23
CA LEU C 71 10.27 14.75 -13.90
C LEU C 71 10.07 15.58 -15.16
N ARG C 72 9.89 14.89 -16.28
CA ARG C 72 9.51 15.51 -17.55
C ARG C 72 8.18 14.93 -18.00
N LYS C 73 7.60 15.51 -19.05
CA LYS C 73 6.43 14.89 -19.66
C LYS C 73 6.79 13.47 -20.08
N GLY C 74 5.92 12.52 -19.74
CA GLY C 74 6.16 11.13 -20.06
C GLY C 74 6.96 10.33 -19.05
N SER C 75 7.56 10.99 -18.05
CA SER C 75 8.30 10.28 -17.02
C SER C 75 7.42 9.20 -16.38
N GLN C 76 8.01 8.03 -16.10
CA GLN C 76 7.35 7.01 -15.30
C GLN C 76 7.78 7.19 -13.85
N VAL C 77 6.82 7.21 -12.93
CA VAL C 77 7.15 7.61 -11.58
C VAL C 77 6.30 6.83 -10.59
N TYR C 78 6.92 6.49 -9.47
CA TYR C 78 6.23 5.98 -8.29
C TYR C 78 5.94 7.15 -7.37
N VAL C 79 4.70 7.26 -6.93
CA VAL C 79 4.24 8.36 -6.09
C VAL C 79 3.46 7.77 -4.91
N GLU C 80 3.72 8.29 -3.71
CA GLU C 80 3.07 7.82 -2.49
C GLU C 80 2.69 9.04 -1.67
N GLY C 81 1.41 9.17 -1.36
CA GLY C 81 0.96 10.37 -0.69
C GLY C 81 -0.31 10.19 0.11
N SER C 82 -1.05 11.27 0.31
CA SER C 82 -2.32 11.22 1.01
C SER C 82 -3.35 12.00 0.20
N LEU C 83 -4.60 11.62 0.34
CA LEU C 83 -5.67 12.28 -0.42
C LEU C 83 -6.08 13.54 0.31
N ARG C 84 -6.23 14.63 -0.44
CA ARG C 84 -6.74 15.87 0.13
C ARG C 84 -7.69 16.48 -0.89
N THR C 85 -8.92 16.74 -0.47
CA THR C 85 -9.89 17.40 -1.32
C THR C 85 -9.91 18.88 -0.95
N ARG C 86 -9.54 19.72 -1.90
CA ARG C 86 -9.42 21.17 -1.74
C ARG C 86 -10.73 21.82 -2.15
N LYS C 87 -11.27 22.70 -1.30
CA LYS C 87 -12.48 23.44 -1.62
C LYS C 87 -12.10 24.84 -2.09
N TRP C 88 -12.47 25.18 -3.31
CA TRP C 88 -12.33 26.53 -3.84
C TRP C 88 -13.68 27.01 -4.34
N GLN C 89 -13.72 28.27 -4.76
CA GLN C 89 -14.95 28.85 -5.28
C GLN C 89 -14.63 29.63 -6.53
N GLY C 90 -15.45 29.46 -7.56
CA GLY C 90 -15.34 30.29 -8.74
C GLY C 90 -16.26 31.49 -8.67
N GLN C 91 -16.86 31.84 -9.80
CA GLN C 91 -17.86 32.89 -9.85
C GLN C 91 -19.16 32.43 -9.18
N GLN C 94 -21.07 27.65 -7.45
CA GLN C 94 -19.96 28.49 -7.02
C GLN C 94 -18.91 27.68 -6.25
N ASP C 95 -19.36 26.84 -5.31
CA ASP C 95 -18.46 25.95 -4.59
C ASP C 95 -17.91 24.88 -5.53
N ARG C 96 -16.60 24.69 -5.52
CA ARG C 96 -15.92 23.68 -6.32
C ARG C 96 -15.00 22.86 -5.43
N TYR C 97 -14.66 21.66 -5.88
CA TYR C 97 -13.78 20.76 -5.14
C TYR C 97 -12.80 20.08 -6.08
N THR C 98 -11.58 19.88 -5.59
CA THR C 98 -10.56 19.19 -6.37
C THR C 98 -9.85 18.22 -5.44
N THR C 99 -9.90 16.93 -5.79
CA THR C 99 -9.22 15.91 -5.00
C THR C 99 -7.82 15.72 -5.56
N GLU C 100 -6.80 15.90 -4.71
CA GLU C 100 -5.42 15.84 -5.13
C GLU C 100 -4.66 14.82 -4.29
N ILE C 101 -3.58 14.30 -4.86
CA ILE C 101 -2.68 13.44 -4.10
C ILE C 101 -1.51 14.28 -3.63
N VAL C 102 -1.39 14.45 -2.33
CA VAL C 102 -0.42 15.34 -1.72
C VAL C 102 0.78 14.52 -1.28
N VAL C 103 1.95 14.88 -1.80
CA VAL C 103 3.20 14.16 -1.57
C VAL C 103 4.13 15.12 -0.83
N ASP C 104 4.29 14.92 0.47
CA ASP C 104 5.19 15.74 1.28
C ASP C 104 6.12 14.87 2.12
N ILE C 105 6.55 15.38 3.27
CA ILE C 105 7.48 14.65 4.12
C ILE C 105 6.97 13.25 4.45
N ASN C 106 5.65 13.08 4.48
CA ASN C 106 5.04 11.80 4.82
C ASN C 106 4.97 10.84 3.63
N GLY C 107 5.27 11.32 2.43
CA GLY C 107 5.13 10.55 1.23
C GLY C 107 6.46 10.14 0.64
N ASN C 108 6.45 9.86 -0.65
CA ASN C 108 7.63 9.36 -1.33
C ASN C 108 7.45 9.54 -2.82
N MET C 109 8.56 9.66 -3.52
CA MET C 109 8.51 9.72 -4.97
C MET C 109 9.76 9.02 -5.50
N GLN C 110 9.60 8.21 -6.54
CA GLN C 110 10.74 7.50 -7.12
C GLN C 110 10.65 7.59 -8.64
N LEU C 111 11.60 8.31 -9.24
CA LEU C 111 11.70 8.32 -10.69
C LEU C 111 12.12 6.93 -11.16
N LEU C 112 11.33 6.36 -12.06
CA LEU C 112 11.52 5.00 -12.54
C LEU C 112 12.10 5.03 -13.96
N GLY C 113 12.47 3.84 -14.43
CA GLY C 113 13.08 3.71 -15.75
C GLY C 113 14.47 3.12 -15.70
N ALA D 2 -3.82 -3.62 -17.43
CA ALA D 2 -3.42 -2.61 -16.45
C ALA D 2 -1.92 -2.33 -16.54
N ARG D 3 -1.57 -1.10 -16.95
CA ARG D 3 -0.17 -0.70 -17.06
C ARG D 3 0.32 0.05 -15.82
N GLY D 4 -0.57 0.76 -15.11
CA GLY D 4 -0.17 1.52 -13.95
C GLY D 4 -0.45 0.82 -12.63
N VAL D 5 -0.23 1.55 -11.55
CA VAL D 5 -0.70 1.18 -10.23
C VAL D 5 -1.54 2.33 -9.72
N ASN D 6 -2.69 2.00 -9.14
CA ASN D 6 -3.68 2.97 -8.66
C ASN D 6 -4.28 2.34 -7.41
N LYS D 7 -3.73 2.69 -6.24
CA LYS D 7 -4.09 2.02 -5.00
C LYS D 7 -4.35 3.05 -3.91
N VAL D 8 -5.45 2.88 -3.18
CA VAL D 8 -5.80 3.75 -2.06
C VAL D 8 -6.11 2.89 -0.85
N ILE D 9 -5.49 3.20 0.28
CA ILE D 9 -5.71 2.49 1.51
C ILE D 9 -6.16 3.51 2.54
N LEU D 10 -7.34 3.28 3.12
CA LEU D 10 -7.93 4.16 4.10
C LEU D 10 -8.32 3.37 5.34
N VAL D 11 -8.16 4.00 6.50
CA VAL D 11 -8.75 3.53 7.75
C VAL D 11 -9.49 4.72 8.35
N GLY D 12 -10.79 4.57 8.56
CA GLY D 12 -11.55 5.70 9.04
C GLY D 12 -12.92 5.29 9.53
N ASN D 13 -13.78 6.30 9.72
CA ASN D 13 -15.11 6.11 10.29
C ASN D 13 -16.18 6.50 9.29
N VAL D 14 -17.19 5.63 9.15
CA VAL D 14 -18.27 5.84 8.19
C VAL D 14 -19.10 7.06 8.63
N GLY D 15 -19.39 7.94 7.67
CA GLY D 15 -20.08 9.18 8.00
C GLY D 15 -21.57 9.08 8.18
N GLY D 16 -22.19 8.02 7.65
CA GLY D 16 -23.63 7.83 7.79
C GLY D 16 -23.99 6.45 7.29
N ASP D 17 -25.19 6.03 7.62
CA ASP D 17 -25.67 4.74 7.22
C ASP D 17 -25.49 4.70 5.75
N PRO D 18 -25.07 3.56 5.28
CA PRO D 18 -24.75 3.22 3.93
C PRO D 18 -25.95 3.17 3.07
N GLU D 19 -25.79 3.42 1.78
CA GLU D 19 -26.89 3.37 0.88
C GLU D 19 -26.59 2.31 -0.07
N THR D 20 -27.42 1.33 -0.09
CA THR D 20 -27.22 0.28 -1.01
C THR D 20 -28.25 0.44 -2.15
N ARG D 21 -28.02 -0.21 -3.27
CA ARG D 21 -28.89 -0.13 -4.40
C ARG D 21 -28.52 -1.26 -5.33
N TYR D 22 -29.47 -1.74 -6.12
CA TYR D 22 -29.21 -2.85 -7.01
C TYR D 22 -29.71 -2.50 -8.36
N MET D 23 -29.10 -3.10 -9.37
CA MET D 23 -29.58 -2.87 -10.68
C MET D 23 -29.98 -4.20 -11.30
N PRO D 24 -30.22 -4.18 -12.62
CA PRO D 24 -30.66 -5.21 -13.53
C PRO D 24 -29.45 -5.78 -14.21
N ASN D 25 -28.55 -6.19 -13.36
CA ASN D 25 -27.33 -6.88 -13.67
C ASN D 25 -27.06 -7.86 -12.54
N GLY D 26 -27.75 -7.66 -11.40
CA GLY D 26 -27.64 -8.42 -10.16
C GLY D 26 -26.84 -7.60 -9.17
N ASN D 27 -25.95 -6.77 -9.69
CA ASN D 27 -25.05 -6.01 -8.88
C ASN D 27 -25.57 -5.15 -7.74
N ALA D 28 -24.81 -5.18 -6.68
CA ALA D 28 -25.07 -4.38 -5.57
C ALA D 28 -24.03 -3.27 -5.67
N VAL D 29 -24.42 -2.09 -5.26
CA VAL D 29 -23.58 -0.96 -5.28
C VAL D 29 -23.85 -0.31 -3.98
N THR D 30 -22.81 -0.11 -3.18
CA THR D 30 -22.98 0.51 -1.89
C THR D 30 -22.14 1.76 -1.84
N ASN D 31 -22.70 2.84 -1.33
CA ASN D 31 -22.02 4.06 -1.25
C ASN D 31 -21.96 4.51 0.18
N ILE D 32 -20.80 4.97 0.61
CA ILE D 32 -20.59 5.50 1.94
C ILE D 32 -19.70 6.73 1.82
N THR D 33 -19.64 7.48 2.91
CA THR D 33 -18.60 8.48 3.12
C THR D 33 -17.71 8.00 4.26
N LEU D 34 -16.45 8.41 4.21
CA LEU D 34 -15.46 7.89 5.16
C LEU D 34 -14.58 9.03 5.60
N ALA D 35 -14.49 9.22 6.91
CA ALA D 35 -13.67 10.26 7.52
C ALA D 35 -12.35 9.68 8.00
N THR D 36 -11.25 10.26 7.54
CA THR D 36 -9.95 9.97 8.09
C THR D 36 -9.42 11.22 8.76
N SER D 37 -8.79 11.06 9.92
CA SER D 37 -8.37 12.23 10.68
C SER D 37 -6.90 12.15 11.03
N GLU D 38 -6.33 13.32 11.31
CA GLU D 38 -4.93 13.43 11.70
C GLU D 38 -4.78 14.60 12.66
N SER D 39 -3.92 14.44 13.67
CA SER D 39 -3.67 15.50 14.65
C SER D 39 -2.23 15.50 15.13
N GLN D 49 -3.27 21.10 15.41
CA GLN D 49 -4.73 21.08 15.26
C GLN D 49 -5.17 19.66 14.92
N GLU D 50 -6.47 19.42 14.73
CA GLU D 50 -6.86 18.10 14.28
C GLU D 50 -7.50 18.29 12.93
N ARG D 51 -7.11 17.47 11.97
CA ARG D 51 -7.64 17.58 10.63
C ARG D 51 -8.46 16.41 10.15
N THR D 52 -9.47 16.69 9.40
CA THR D 52 -10.36 15.64 8.93
C THR D 52 -10.49 15.70 7.42
N GLU D 53 -10.38 14.54 6.78
CA GLU D 53 -10.55 14.41 5.34
C GLU D 53 -11.74 13.51 5.05
N TRP D 54 -12.61 13.95 4.15
CA TRP D 54 -13.81 13.19 3.83
C TRP D 54 -13.63 12.50 2.49
N HIS D 55 -14.02 11.22 2.44
CA HIS D 55 -13.76 10.36 1.28
C HIS D 55 -15.07 9.74 0.82
N ARG D 56 -15.27 9.72 -0.48
CA ARG D 56 -16.41 9.06 -1.08
C ARG D 56 -15.97 7.68 -1.51
N VAL D 57 -16.63 6.66 -1.02
CA VAL D 57 -16.24 5.29 -1.30
C VAL D 57 -17.43 4.55 -1.90
N VAL D 58 -17.19 3.83 -2.99
CA VAL D 58 -18.21 3.06 -3.68
C VAL D 58 -17.78 1.61 -3.75
N PHE D 59 -18.59 0.71 -3.17
CA PHE D 59 -18.38 -0.73 -3.23
C PHE D 59 -19.19 -1.34 -4.38
N PHE D 60 -18.60 -2.31 -5.06
CA PHE D 60 -19.26 -3.04 -6.13
C PHE D 60 -19.18 -4.54 -5.87
N GLY D 61 -20.26 -5.25 -6.19
CA GLY D 61 -20.25 -6.70 -6.16
C GLY D 61 -20.31 -7.30 -4.77
N ARG D 62 -19.53 -8.36 -4.55
CA ARG D 62 -19.57 -9.07 -3.27
C ARG D 62 -19.35 -8.11 -2.10
N LEU D 63 -18.30 -7.29 -2.17
CA LEU D 63 -18.02 -6.38 -1.07
C LEU D 63 -19.12 -5.35 -0.89
N ALA D 64 -19.80 -4.99 -1.99
CA ALA D 64 -20.98 -4.14 -1.86
C ALA D 64 -22.04 -4.80 -0.97
N GLU D 65 -22.27 -6.09 -1.17
CA GLU D 65 -23.21 -6.81 -0.32
C GLU D 65 -22.71 -6.83 1.12
N ILE D 66 -21.42 -7.16 1.31
CA ILE D 66 -20.86 -7.17 2.66
C ILE D 66 -20.92 -5.78 3.27
N ALA D 67 -20.68 -4.75 2.47
CA ALA D 67 -20.64 -3.38 2.98
C ALA D 67 -22.02 -2.94 3.48
N GLY D 68 -23.05 -3.15 2.68
CA GLY D 68 -24.37 -2.67 3.06
C GLY D 68 -24.86 -3.29 4.36
N GLU D 69 -24.50 -4.55 4.60
CA GLU D 69 -25.01 -5.25 5.78
C GLU D 69 -24.34 -4.74 7.06
N TYR D 70 -23.00 -4.86 7.13
CA TYR D 70 -22.30 -4.69 8.40
C TYR D 70 -21.91 -3.25 8.70
N LEU D 71 -21.77 -2.39 7.69
CA LEU D 71 -21.35 -1.02 7.95
C LEU D 71 -22.52 -0.18 8.43
N ARG D 72 -22.25 0.69 9.40
CA ARG D 72 -23.25 1.58 9.96
C ARG D 72 -22.56 2.91 10.28
N LYS D 73 -23.36 3.96 10.42
CA LYS D 73 -22.84 5.26 10.79
C LYS D 73 -21.88 5.17 11.97
N GLY D 74 -20.61 5.48 11.72
CA GLY D 74 -19.60 5.50 12.75
C GLY D 74 -18.72 4.27 12.81
N SER D 75 -19.05 3.22 12.06
CA SER D 75 -18.20 2.03 12.02
C SER D 75 -16.78 2.41 11.65
N GLN D 76 -15.82 1.66 12.18
CA GLN D 76 -14.41 1.79 11.80
C GLN D 76 -14.09 0.74 10.75
N VAL D 77 -13.41 1.14 9.68
CA VAL D 77 -13.26 0.24 8.54
C VAL D 77 -11.93 0.51 7.83
N TYR D 78 -11.32 -0.57 7.36
CA TYR D 78 -10.20 -0.54 6.43
C TYR D 78 -10.74 -0.72 5.03
N VAL D 79 -10.32 0.14 4.12
CA VAL D 79 -10.78 0.12 2.75
C VAL D 79 -9.54 0.18 1.86
N GLU D 80 -9.50 -0.69 0.84
CA GLU D 80 -8.46 -0.68 -0.16
C GLU D 80 -9.11 -0.68 -1.53
N GLY D 81 -8.83 0.34 -2.32
CA GLY D 81 -9.48 0.48 -3.62
C GLY D 81 -8.63 1.25 -4.59
N SER D 82 -9.27 1.82 -5.60
CA SER D 82 -8.55 2.59 -6.59
C SER D 82 -9.32 3.88 -6.84
N LEU D 83 -8.59 4.88 -7.29
CA LEU D 83 -9.18 6.20 -7.44
C LEU D 83 -9.88 6.30 -8.79
N ARG D 84 -11.05 6.95 -8.80
CA ARG D 84 -11.73 7.16 -10.07
C ARG D 84 -12.40 8.53 -10.03
N THR D 85 -12.08 9.34 -11.01
CA THR D 85 -12.69 10.67 -11.12
C THR D 85 -13.73 10.63 -12.23
N ARG D 86 -14.97 11.00 -11.90
CA ARG D 86 -16.07 11.04 -12.86
C ARG D 86 -16.43 12.49 -13.17
N LYS D 87 -16.61 12.80 -14.45
CA LYS D 87 -16.99 14.13 -14.90
C LYS D 87 -18.51 14.23 -15.07
N TRP D 88 -19.06 15.39 -14.77
CA TRP D 88 -20.49 15.59 -14.97
C TRP D 88 -20.76 17.07 -15.17
N GLN D 89 -21.75 17.36 -16.03
CA GLN D 89 -22.20 18.73 -16.24
C GLN D 89 -23.26 19.06 -15.18
N GLY D 90 -23.03 20.14 -14.43
CA GLY D 90 -23.97 20.55 -13.42
C GLY D 90 -25.17 21.23 -14.08
N GLN D 91 -26.17 21.55 -13.26
CA GLN D 91 -27.37 22.17 -13.81
C GLN D 91 -27.16 23.59 -14.30
N ASP D 92 -26.03 24.23 -14.03
CA ASP D 92 -25.67 25.46 -14.71
C ASP D 92 -24.95 25.19 -16.04
N GLY D 93 -24.86 23.93 -16.46
CA GLY D 93 -24.10 23.57 -17.64
C GLY D 93 -22.59 23.52 -17.48
N GLN D 94 -22.06 23.75 -16.28
CA GLN D 94 -20.62 23.79 -16.09
C GLN D 94 -20.07 22.44 -15.66
N ASP D 95 -18.84 22.15 -16.09
CA ASP D 95 -18.21 20.86 -15.81
C ASP D 95 -17.81 20.78 -14.34
N ARG D 96 -18.06 19.62 -13.75
CA ARG D 96 -17.64 19.31 -12.40
C ARG D 96 -17.03 17.93 -12.38
N TYR D 97 -16.35 17.60 -11.27
CA TYR D 97 -15.62 16.35 -11.15
C TYR D 97 -15.80 15.81 -9.74
N THR D 98 -15.98 14.48 -9.65
CA THR D 98 -16.09 13.81 -8.36
C THR D 98 -15.08 12.67 -8.35
N THR D 99 -14.15 12.71 -7.39
CA THR D 99 -13.16 11.66 -7.21
C THR D 99 -13.64 10.74 -6.10
N GLU D 100 -13.76 9.45 -6.42
CA GLU D 100 -14.25 8.44 -5.51
C GLU D 100 -13.22 7.33 -5.38
N ILE D 101 -13.35 6.57 -4.30
CA ILE D 101 -12.55 5.37 -4.09
C ILE D 101 -13.42 4.17 -4.45
N VAL D 102 -13.00 3.44 -5.43
CA VAL D 102 -13.75 2.32 -5.89
C VAL D 102 -13.20 1.01 -5.33
N VAL D 103 -14.05 0.27 -4.67
CA VAL D 103 -13.65 -0.95 -4.08
C VAL D 103 -14.41 -2.11 -4.70
N ASP D 104 -13.73 -2.97 -5.42
CA ASP D 104 -14.35 -4.11 -6.03
C ASP D 104 -13.46 -5.32 -5.86
N ILE D 105 -13.55 -6.26 -6.78
CA ILE D 105 -12.80 -7.46 -6.72
C ILE D 105 -11.31 -7.30 -6.55
N ASN D 106 -10.72 -6.27 -7.09
CA ASN D 106 -9.31 -6.02 -6.90
C ASN D 106 -9.02 -5.29 -5.59
N GLY D 107 -10.04 -4.95 -4.83
CA GLY D 107 -9.91 -4.19 -3.59
C GLY D 107 -10.13 -5.05 -2.35
N ASN D 108 -10.50 -4.39 -1.25
CA ASN D 108 -10.63 -5.11 0.01
C ASN D 108 -11.36 -4.24 1.01
N MET D 109 -12.04 -4.89 1.94
CA MET D 109 -12.68 -4.17 3.02
C MET D 109 -12.61 -5.02 4.28
N GLN D 110 -12.31 -4.38 5.41
CA GLN D 110 -12.24 -5.11 6.67
C GLN D 110 -12.89 -4.29 7.77
N LEU D 111 -13.99 -4.81 8.32
CA LEU D 111 -14.66 -4.18 9.44
C LEU D 111 -13.79 -4.31 10.69
N LEU D 112 -13.62 -3.20 11.39
CA LEU D 112 -12.69 -3.11 12.50
C LEU D 112 -13.47 -2.97 13.82
N GLY D 113 -12.88 -3.49 14.89
CA GLY D 113 -13.51 -3.39 16.20
C GLY D 113 -14.11 -4.69 16.68
#